data_6QT8
#
_entry.id   6QT8
#
_cell.length_a   85.853
_cell.length_b   85.853
_cell.length_c   156.302
_cell.angle_alpha   90.000
_cell.angle_beta   90.000
_cell.angle_gamma   90.000
#
_symmetry.space_group_name_H-M   'P 41 21 2'
#
loop_
_entity.id
_entity.type
_entity.pdbx_description
1 polymer Midasin
2 non-polymer 'SULFATE ION'
3 non-polymer GLYCEROL
4 non-polymer 'IODIDE ION'
5 water water
#
_entity_poly.entity_id   1
_entity_poly.type   'polypeptide(L)'
_entity_poly.pdbx_seq_one_letter_code
;MEEDLEDEQIKEASSQLLATHISDEQLKRPLRDYGEALEMWSTFQTKTQALSQSLSSQLRLILTPTQSTKLSGAFRTGKR
LNIKKIIPYIASSYKRDKIWMRRAIPSKRAYQILLCVDDSSSMSDDNRSTAGNLALESLVMVARALTVLEAGQIGVMGFG
TDVFVAHALTDPPFTSQDAGARVLQQFTFRQDSTDMVLLLRRTIDHFREARLIQASSSRGGEDLWQLALILSDGLVQSRD
HARLRPLLREAMEQRVMVVFIVMDDARSRKGHSVLELKEARFGPDGVPVIHRYLDSFPFPYYLIVHHLEDLPGALAALLR
TWFAEVNSGSHHHHHH
;
_entity_poly.pdbx_strand_id   A
#
# COMPACT_ATOMS: atom_id res chain seq x y z
N ASP A 24 -15.58 -19.07 -5.18
CA ASP A 24 -16.43 -18.19 -5.98
C ASP A 24 -17.89 -18.31 -5.55
N GLU A 25 -18.33 -19.53 -5.20
CA GLU A 25 -19.70 -19.71 -4.71
C GLU A 25 -19.89 -19.00 -3.37
N GLN A 26 -18.89 -19.05 -2.49
CA GLN A 26 -18.98 -18.32 -1.23
C GLN A 26 -19.04 -16.81 -1.46
N LEU A 27 -18.49 -16.31 -2.58
CA LEU A 27 -18.49 -14.87 -2.90
C LEU A 27 -19.88 -14.28 -3.13
N LYS A 28 -20.98 -15.03 -3.19
CA LYS A 28 -22.29 -14.41 -3.40
C LYS A 28 -22.85 -13.80 -2.11
N ARG A 29 -21.97 -13.26 -1.25
CA ARG A 29 -22.34 -12.40 -0.13
C ARG A 29 -23.06 -11.17 -0.67
N PRO A 30 -23.95 -10.56 0.11
CA PRO A 30 -24.52 -9.27 -0.29
C PRO A 30 -23.50 -8.15 -0.07
N LEU A 31 -23.43 -7.24 -1.04
CA LEU A 31 -22.54 -6.09 -1.05
C LEU A 31 -23.16 -4.91 -0.30
N ARG A 32 -22.33 -3.92 0.03
CA ARG A 32 -22.86 -2.69 0.61
C ARG A 32 -23.67 -1.90 -0.40
N ASP A 33 -24.68 -1.21 0.10
CA ASP A 33 -25.43 -0.24 -0.69
C ASP A 33 -24.47 0.69 -1.41
N TYR A 34 -24.70 0.92 -2.71
CA TYR A 34 -23.77 1.71 -3.50
C TYR A 34 -23.67 3.13 -2.98
N GLY A 35 -24.81 3.76 -2.69
CA GLY A 35 -24.79 5.11 -2.14
C GLY A 35 -23.96 5.19 -0.87
N GLU A 36 -24.11 4.21 0.02
CA GLU A 36 -23.33 4.17 1.24
C GLU A 36 -21.83 4.04 0.94
N ALA A 37 -21.47 3.12 0.05
CA ALA A 37 -20.06 2.96 -0.30
C ALA A 37 -19.51 4.21 -0.95
N LEU A 38 -20.34 4.87 -1.77
CA LEU A 38 -19.94 6.12 -2.40
C LEU A 38 -19.70 7.21 -1.36
N GLU A 39 -20.58 7.30 -0.36
CA GLU A 39 -20.38 8.31 0.66
C GLU A 39 -19.14 7.98 1.50
N MET A 40 -18.92 6.70 1.81
CA MET A 40 -17.70 6.29 2.51
C MET A 40 -16.46 6.72 1.76
N TRP A 41 -16.35 6.35 0.48
CA TRP A 41 -15.18 6.74 -0.30
C TRP A 41 -14.98 8.25 -0.26
N SER A 42 -16.05 9.01 -0.47
CA SER A 42 -15.94 10.47 -0.48
C SER A 42 -15.47 11.00 0.87
N THR A 43 -16.07 10.51 1.96
CA THR A 43 -15.68 10.93 3.30
C THR A 43 -14.22 10.61 3.58
N PHE A 44 -13.79 9.35 3.32
CA PHE A 44 -12.41 8.97 3.56
C PHE A 44 -11.44 9.75 2.71
N GLN A 45 -11.84 10.10 1.48
CA GLN A 45 -10.94 10.87 0.63
C GLN A 45 -10.72 12.25 1.21
N THR A 46 -11.81 12.91 1.62
CA THR A 46 -11.71 14.21 2.27
C THR A 46 -10.88 14.13 3.55
N LYS A 47 -11.06 13.07 4.34
CA LYS A 47 -10.35 12.98 5.63
C LYS A 47 -8.86 12.70 5.45
N THR A 48 -8.45 12.02 4.37
CA THR A 48 -7.05 11.63 4.17
C THR A 48 -6.32 12.42 3.10
N GLN A 49 -6.96 13.41 2.44
CA GLN A 49 -6.35 14.03 1.26
C GLN A 49 -5.00 14.68 1.59
N ALA A 50 -4.89 15.35 2.75
CA ALA A 50 -3.62 15.99 3.09
C ALA A 50 -2.50 14.96 3.14
N LEU A 51 -2.73 13.84 3.82
CA LEU A 51 -1.72 12.79 3.93
C LEU A 51 -1.47 12.13 2.56
N SER A 52 -2.51 11.97 1.74
CA SER A 52 -2.31 11.40 0.40
C SER A 52 -1.45 12.32 -0.43
N GLN A 53 -1.69 13.62 -0.33
CA GLN A 53 -0.93 14.58 -1.11
C GLN A 53 0.52 14.65 -0.61
N SER A 54 0.72 14.74 0.71
CA SER A 54 2.08 14.74 1.23
C SER A 54 2.81 13.48 0.83
N LEU A 55 2.16 12.32 1.02
CA LEU A 55 2.82 11.04 0.73
C LEU A 55 3.19 10.95 -0.76
N SER A 56 2.27 11.38 -1.63
CA SER A 56 2.58 11.32 -3.06
C SER A 56 3.74 12.26 -3.41
N SER A 57 3.87 13.39 -2.71
CA SER A 57 5.02 14.26 -3.01
C SER A 57 6.31 13.65 -2.46
N GLN A 58 6.21 12.90 -1.36
CA GLN A 58 7.38 12.19 -0.85
C GLN A 58 7.78 11.05 -1.78
N LEU A 59 6.81 10.29 -2.29
CA LEU A 59 7.19 9.19 -3.17
C LEU A 59 7.79 9.72 -4.46
N ARG A 60 7.25 10.84 -5.00
CA ARG A 60 7.83 11.42 -6.21
C ARG A 60 9.29 11.82 -5.98
N LEU A 61 9.58 12.43 -4.83
CA LEU A 61 10.95 12.75 -4.48
C LEU A 61 11.82 11.51 -4.44
N ILE A 62 11.36 10.45 -3.76
CA ILE A 62 12.12 9.20 -3.68
C ILE A 62 12.44 8.64 -5.06
N LEU A 63 11.50 8.71 -6.00
CA LEU A 63 11.72 8.12 -7.32
C LEU A 63 12.53 9.02 -8.25
N THR A 64 12.73 10.24 -7.87
CA THR A 64 13.43 11.17 -8.73
C THR A 64 14.94 10.99 -8.57
N PRO A 65 15.69 10.86 -9.67
CA PRO A 65 17.16 10.85 -9.56
C PRO A 65 17.67 12.10 -8.85
N THR A 66 18.41 11.88 -7.74
CA THR A 66 18.90 12.99 -6.92
C THR A 66 20.31 12.74 -6.41
N GLN A 67 21.06 11.80 -6.99
CA GLN A 67 22.42 11.57 -6.51
C GLN A 67 23.29 12.81 -6.72
N SER A 68 24.10 13.11 -5.72
CA SER A 68 24.98 14.26 -5.80
C SER A 68 26.15 13.99 -6.76
N THR A 69 26.86 15.06 -7.10
CA THR A 69 28.08 14.94 -7.88
C THR A 69 29.21 14.37 -7.00
N LYS A 70 30.26 13.83 -7.64
CA LYS A 70 31.34 13.24 -6.86
C LYS A 70 32.69 13.80 -7.27
N LEU A 71 33.59 13.85 -6.30
CA LEU A 71 34.98 14.28 -6.50
C LEU A 71 35.84 13.11 -6.97
N SER A 72 36.66 13.35 -7.99
CA SER A 72 37.61 12.40 -8.54
C SER A 72 39.03 12.98 -8.45
N GLY A 73 40.01 12.09 -8.51
CA GLY A 73 41.40 12.52 -8.53
C GLY A 73 41.74 13.45 -7.39
N ALA A 74 42.35 14.59 -7.72
CA ALA A 74 42.64 15.62 -6.72
C ALA A 74 41.54 16.69 -6.73
N LYS A 84 42.56 33.56 -8.53
CA LYS A 84 41.20 33.77 -8.01
C LYS A 84 40.25 32.69 -8.50
N LYS A 85 39.32 32.30 -7.62
CA LYS A 85 38.34 31.31 -7.99
C LYS A 85 37.46 31.83 -9.12
N ILE A 86 37.18 30.96 -10.09
CA ILE A 86 36.26 31.27 -11.17
C ILE A 86 34.82 31.15 -10.67
N ILE A 87 34.01 32.16 -10.95
CA ILE A 87 32.62 32.15 -10.55
C ILE A 87 31.78 32.28 -11.82
N PRO A 88 31.39 31.18 -12.45
CA PRO A 88 30.64 31.27 -13.69
C PRO A 88 29.25 31.82 -13.45
N TYR A 89 28.63 32.26 -14.54
CA TYR A 89 27.23 32.64 -14.56
C TYR A 89 26.40 31.39 -14.87
N ILE A 90 25.73 30.87 -13.85
CA ILE A 90 24.95 29.63 -13.94
C ILE A 90 23.48 29.98 -13.76
N ALA A 91 22.70 29.85 -14.83
CA ALA A 91 21.30 30.22 -14.82
C ALA A 91 20.50 29.19 -15.60
N SER A 92 19.29 28.92 -15.13
CA SER A 92 18.38 28.10 -15.90
C SER A 92 16.98 28.60 -15.63
N SER A 93 16.06 28.15 -16.44
CA SER A 93 14.67 28.57 -16.35
C SER A 93 13.87 27.49 -15.67
N TYR A 94 12.97 27.89 -14.75
CA TYR A 94 12.15 26.89 -14.07
C TYR A 94 11.32 26.08 -15.05
N LYS A 95 10.90 26.71 -16.15
CA LYS A 95 10.21 26.00 -17.23
C LYS A 95 11.00 24.77 -17.67
N ARG A 96 12.29 24.97 -17.93
CA ARG A 96 13.15 23.88 -18.37
C ARG A 96 13.24 22.78 -17.32
N ASP A 97 13.21 23.11 -16.02
CA ASP A 97 13.31 22.01 -15.05
C ASP A 97 12.04 21.17 -15.00
N LYS A 98 10.86 21.74 -15.25
CA LYS A 98 9.68 20.88 -15.38
C LYS A 98 9.79 19.95 -16.58
N ILE A 99 10.41 20.41 -17.66
CA ILE A 99 10.58 19.54 -18.82
C ILE A 99 11.53 18.40 -18.48
N TRP A 100 12.64 18.69 -17.81
CA TRP A 100 13.56 17.63 -17.40
C TRP A 100 12.82 16.60 -16.57
N MET A 101 11.87 17.06 -15.73
CA MET A 101 11.14 16.15 -14.86
C MET A 101 10.22 15.23 -15.65
N ARG A 102 9.58 15.75 -16.70
CA ARG A 102 8.68 14.91 -17.51
C ARG A 102 9.40 13.70 -18.06
N ARG A 103 10.71 13.79 -18.30
CA ARG A 103 11.51 12.69 -18.79
C ARG A 103 12.27 11.96 -17.67
N ALA A 104 12.12 12.39 -16.41
CA ALA A 104 13.12 12.06 -15.40
C ALA A 104 12.89 10.72 -14.74
N ILE A 105 11.66 10.36 -14.43
CA ILE A 105 11.36 9.11 -13.69
C ILE A 105 11.27 7.99 -14.70
N PRO A 106 12.17 6.99 -14.65
CA PRO A 106 12.21 5.98 -15.69
C PRO A 106 11.02 5.02 -15.62
N SER A 107 10.43 4.75 -16.78
CA SER A 107 9.30 3.83 -16.89
C SER A 107 9.73 2.37 -17.01
N LYS A 108 11.04 2.09 -16.98
CA LYS A 108 11.49 0.70 -17.04
C LYS A 108 11.12 -0.06 -15.79
N ARG A 109 11.12 0.63 -14.64
CA ARG A 109 10.76 0.02 -13.38
C ARG A 109 9.29 0.31 -13.07
N ALA A 110 8.51 -0.75 -12.84
CA ALA A 110 7.15 -0.61 -12.33
C ALA A 110 7.04 -1.22 -10.94
N TYR A 111 6.08 -0.71 -10.20
CA TYR A 111 5.80 -1.09 -8.84
C TYR A 111 4.41 -1.69 -8.80
N GLN A 112 4.26 -2.84 -8.16
CA GLN A 112 2.95 -3.46 -8.00
C GLN A 112 2.70 -3.72 -6.53
N ILE A 113 1.62 -3.14 -6.02
CA ILE A 113 1.25 -3.24 -4.61
C ILE A 113 -0.09 -3.93 -4.54
N LEU A 114 -0.17 -5.08 -3.86
CA LEU A 114 -1.46 -5.64 -3.48
C LEU A 114 -1.75 -5.27 -2.04
N LEU A 115 -2.82 -4.55 -1.85
CA LEU A 115 -3.32 -4.22 -0.54
C LEU A 115 -4.35 -5.27 -0.15
N CYS A 116 -4.06 -6.03 0.88
CA CYS A 116 -4.93 -7.13 1.29
C CYS A 116 -5.59 -6.76 2.60
N VAL A 117 -6.92 -6.78 2.64
CA VAL A 117 -7.67 -6.39 3.82
C VAL A 117 -8.49 -7.57 4.33
N ASP A 118 -8.30 -7.87 5.60
CA ASP A 118 -9.09 -8.83 6.37
C ASP A 118 -10.57 -8.49 6.26
N ASP A 119 -11.35 -9.41 5.68
CA ASP A 119 -12.79 -9.23 5.50
C ASP A 119 -13.62 -10.03 6.50
N SER A 120 -13.03 -10.41 7.63
CA SER A 120 -13.71 -11.22 8.62
C SER A 120 -14.42 -10.34 9.64
N SER A 121 -15.33 -10.97 10.40
CA SER A 121 -16.09 -10.26 11.41
C SER A 121 -15.23 -9.79 12.59
N SER A 122 -14.03 -10.34 12.75
CA SER A 122 -13.14 -9.77 13.77
C SER A 122 -12.90 -8.29 13.48
N MET A 123 -12.91 -7.90 12.21
CA MET A 123 -12.72 -6.50 11.86
C MET A 123 -13.93 -5.64 12.20
N SER A 124 -15.12 -6.23 12.26
CA SER A 124 -16.33 -5.44 12.52
C SER A 124 -16.64 -5.38 14.00
N ASP A 125 -16.68 -6.55 14.65
CA ASP A 125 -16.77 -6.66 16.09
C ASP A 125 -17.98 -5.93 16.65
N ASP A 126 -19.10 -6.06 15.93
CA ASP A 126 -20.36 -5.38 16.25
C ASP A 126 -20.12 -3.90 16.56
N ASN A 127 -19.50 -3.24 15.58
CA ASN A 127 -19.22 -1.80 15.64
C ASN A 127 -18.24 -1.43 16.75
N ARG A 128 -17.86 -2.39 17.60
CA ARG A 128 -17.00 -2.05 18.74
C ARG A 128 -15.56 -1.83 18.29
N SER A 129 -15.02 -2.72 17.43
CA SER A 129 -13.60 -2.62 17.06
C SER A 129 -13.31 -1.39 16.22
N THR A 130 -14.18 -1.08 15.23
CA THR A 130 -14.04 0.02 14.26
C THR A 130 -12.78 -0.12 13.37
N ALA A 131 -12.16 -1.29 13.38
CA ALA A 131 -10.93 -1.49 12.62
C ALA A 131 -11.19 -1.59 11.13
N GLY A 132 -12.26 -2.28 10.73
CA GLY A 132 -12.60 -2.38 9.32
C GLY A 132 -12.66 -1.02 8.63
N ASN A 133 -13.29 -0.05 9.28
CA ASN A 133 -13.43 1.27 8.66
C ASN A 133 -12.09 1.96 8.53
N LEU A 134 -11.30 1.95 9.61
CA LEU A 134 -9.97 2.56 9.56
C LEU A 134 -9.10 1.89 8.50
N ALA A 135 -9.25 0.58 8.32
CA ALA A 135 -8.53 -0.10 7.25
C ALA A 135 -8.97 0.38 5.87
N LEU A 136 -10.28 0.54 5.66
CA LEU A 136 -10.74 1.05 4.36
C LEU A 136 -10.32 2.51 4.17
N GLU A 137 -10.36 3.30 5.23
CA GLU A 137 -9.88 4.66 5.13
C GLU A 137 -8.40 4.71 4.75
N SER A 138 -7.59 3.79 5.29
CA SER A 138 -6.18 3.73 4.92
C SER A 138 -6.01 3.31 3.48
N LEU A 139 -6.84 2.38 3.03
CA LEU A 139 -6.84 1.99 1.63
C LEU A 139 -7.07 3.20 0.74
N VAL A 140 -8.07 4.00 1.08
CA VAL A 140 -8.38 5.20 0.29
C VAL A 140 -7.18 6.13 0.24
N MET A 141 -6.54 6.33 1.38
CA MET A 141 -5.38 7.21 1.43
C MET A 141 -4.30 6.72 0.48
N VAL A 142 -3.98 5.42 0.54
CA VAL A 142 -2.95 4.84 -0.31
C VAL A 142 -3.35 4.93 -1.78
N ALA A 143 -4.59 4.54 -2.08
CA ALA A 143 -5.02 4.54 -3.48
C ALA A 143 -4.90 5.94 -4.07
N ARG A 144 -5.39 6.95 -3.33
CA ARG A 144 -5.31 8.31 -3.83
C ARG A 144 -3.86 8.76 -4.00
N ALA A 145 -2.98 8.40 -3.05
CA ALA A 145 -1.57 8.79 -3.16
C ALA A 145 -0.92 8.18 -4.40
N LEU A 146 -1.16 6.88 -4.65
CA LEU A 146 -0.58 6.25 -5.84
C LEU A 146 -1.15 6.83 -7.12
N THR A 147 -2.44 7.16 -7.11
CA THR A 147 -3.03 7.76 -8.31
C THR A 147 -2.40 9.09 -8.66
N VAL A 148 -2.38 10.03 -7.69
CA VAL A 148 -1.72 11.32 -7.88
C VAL A 148 -0.27 11.14 -8.31
N LEU A 149 0.43 10.22 -7.65
CA LEU A 149 1.82 9.97 -7.99
C LEU A 149 1.97 9.56 -9.45
N GLU A 150 1.00 8.84 -9.99
CA GLU A 150 1.02 8.37 -11.38
C GLU A 150 2.17 7.40 -11.61
N ALA A 151 2.46 6.58 -10.60
CA ALA A 151 3.42 5.51 -10.79
C ALA A 151 2.99 4.33 -9.93
N GLY A 152 3.20 3.13 -10.45
CA GLY A 152 2.80 1.93 -9.75
C GLY A 152 1.37 1.53 -10.07
N GLN A 153 1.12 0.24 -9.95
CA GLN A 153 -0.23 -0.29 -10.01
C GLN A 153 -0.65 -0.73 -8.61
N ILE A 154 -1.92 -0.51 -8.31
CA ILE A 154 -2.51 -0.89 -7.04
C ILE A 154 -3.48 -2.02 -7.31
N GLY A 155 -3.43 -3.04 -6.46
CA GLY A 155 -4.49 -4.03 -6.51
C GLY A 155 -5.04 -4.16 -5.11
N VAL A 156 -6.28 -4.64 -4.97
CA VAL A 156 -6.91 -4.79 -3.66
C VAL A 156 -7.50 -6.18 -3.58
N MET A 157 -7.16 -6.89 -2.51
CA MET A 157 -7.72 -8.20 -2.22
C MET A 157 -8.39 -8.17 -0.86
N GLY A 158 -9.49 -8.92 -0.75
CA GLY A 158 -10.14 -9.17 0.52
C GLY A 158 -9.95 -10.62 0.90
N PHE A 159 -9.93 -10.90 2.20
CA PHE A 159 -9.70 -12.28 2.57
C PHE A 159 -10.36 -12.57 3.91
N GLY A 160 -10.87 -13.79 4.02
CA GLY A 160 -11.37 -14.31 5.25
C GLY A 160 -11.36 -15.82 5.09
N THR A 161 -12.53 -16.42 4.98
CA THR A 161 -12.59 -17.81 4.58
C THR A 161 -12.20 -17.99 3.13
N ASP A 162 -12.68 -17.11 2.25
CA ASP A 162 -12.24 -17.07 0.87
C ASP A 162 -11.34 -15.87 0.65
N VAL A 163 -10.85 -15.77 -0.58
CA VAL A 163 -9.99 -14.68 -1.01
C VAL A 163 -10.55 -14.17 -2.33
N PHE A 164 -10.79 -12.86 -2.42
CA PHE A 164 -11.37 -12.25 -3.61
C PHE A 164 -10.56 -11.05 -4.04
N VAL A 165 -10.45 -10.86 -5.36
CA VAL A 165 -9.83 -9.67 -5.95
C VAL A 165 -10.88 -8.56 -5.99
N ALA A 166 -10.75 -7.55 -5.14
CA ALA A 166 -11.71 -6.46 -5.19
C ALA A 166 -11.37 -5.46 -6.29
N HIS A 167 -10.12 -5.40 -6.71
CA HIS A 167 -9.68 -4.44 -7.73
C HIS A 167 -8.37 -4.99 -8.27
N ALA A 168 -8.35 -5.37 -9.54
CA ALA A 168 -7.18 -6.04 -10.11
C ALA A 168 -6.09 -5.03 -10.44
N LEU A 169 -4.84 -5.52 -10.42
CA LEU A 169 -3.69 -4.70 -10.80
C LEU A 169 -3.85 -4.10 -12.19
N THR A 170 -4.53 -4.80 -13.10
CA THR A 170 -4.74 -4.31 -14.45
C THR A 170 -5.98 -3.44 -14.59
N ASP A 171 -6.71 -3.21 -13.50
CA ASP A 171 -7.87 -2.32 -13.56
C ASP A 171 -7.40 -0.86 -13.62
N PRO A 172 -8.27 0.05 -14.05
CA PRO A 172 -7.87 1.45 -14.12
C PRO A 172 -7.58 2.02 -12.73
N PRO A 173 -6.55 2.84 -12.60
CA PRO A 173 -6.28 3.50 -11.31
C PRO A 173 -7.50 4.26 -10.81
N PHE A 174 -7.49 4.53 -9.50
CA PHE A 174 -8.64 5.09 -8.81
C PHE A 174 -8.86 6.58 -9.09
N THR A 175 -9.01 6.96 -10.36
CA THR A 175 -9.32 8.35 -10.67
C THR A 175 -10.81 8.64 -10.61
N SER A 176 -11.65 7.62 -10.79
CA SER A 176 -13.09 7.78 -10.84
C SER A 176 -13.70 7.39 -9.50
N GLN A 177 -14.81 8.06 -9.15
CA GLN A 177 -15.47 7.76 -7.89
C GLN A 177 -16.18 6.41 -7.94
N ASP A 178 -16.71 6.03 -9.11
CA ASP A 178 -17.30 4.71 -9.24
C ASP A 178 -16.32 3.61 -8.85
N ALA A 179 -15.09 3.68 -9.37
CA ALA A 179 -14.11 2.64 -9.07
C ALA A 179 -13.82 2.55 -7.57
N GLY A 180 -13.88 3.67 -6.86
CA GLY A 180 -13.66 3.62 -5.42
C GLY A 180 -14.84 3.01 -4.68
N ALA A 181 -16.05 3.49 -4.98
CA ALA A 181 -17.26 2.90 -4.43
C ALA A 181 -17.28 1.38 -4.64
N ARG A 182 -16.96 0.93 -5.85
CA ARG A 182 -17.07 -0.50 -6.12
C ARG A 182 -16.11 -1.33 -5.26
N VAL A 183 -14.94 -0.79 -4.89
CA VAL A 183 -14.07 -1.55 -4.00
C VAL A 183 -14.65 -1.60 -2.60
N LEU A 184 -15.12 -0.46 -2.08
CA LEU A 184 -15.59 -0.46 -0.71
C LEU A 184 -16.85 -1.29 -0.56
N GLN A 185 -17.63 -1.43 -1.63
CA GLN A 185 -18.85 -2.24 -1.61
C GLN A 185 -18.57 -3.67 -1.21
N GLN A 186 -17.40 -4.17 -1.59
CA GLN A 186 -17.04 -5.58 -1.44
C GLN A 186 -16.55 -5.93 -0.04
N PHE A 187 -16.52 -4.99 0.88
CA PHE A 187 -15.96 -5.21 2.21
C PHE A 187 -17.07 -5.00 3.24
N THR A 188 -17.66 -6.10 3.73
CA THR A 188 -18.68 -6.02 4.76
C THR A 188 -18.27 -6.60 6.10
N PHE A 189 -17.07 -7.21 6.19
CA PHE A 189 -16.49 -7.66 7.47
C PHE A 189 -17.39 -8.65 8.20
N ARG A 190 -17.77 -9.72 7.51
CA ARG A 190 -18.63 -10.72 8.13
C ARG A 190 -18.23 -12.15 7.82
N GLN A 191 -17.13 -12.40 7.12
CA GLN A 191 -16.61 -13.75 7.03
C GLN A 191 -16.24 -14.23 8.44
N ASP A 192 -16.25 -15.55 8.63
CA ASP A 192 -16.18 -16.08 9.97
C ASP A 192 -14.78 -16.48 10.40
N SER A 193 -13.82 -16.49 9.49
CA SER A 193 -12.47 -16.87 9.85
C SER A 193 -11.49 -16.11 8.97
N THR A 194 -10.23 -16.12 9.38
CA THR A 194 -9.13 -15.55 8.62
C THR A 194 -8.15 -16.65 8.27
N ASP A 195 -8.01 -16.95 6.98
CA ASP A 195 -7.13 -18.01 6.50
C ASP A 195 -5.93 -17.36 5.83
N MET A 196 -4.90 -17.10 6.63
CA MET A 196 -3.74 -16.37 6.13
C MET A 196 -2.96 -17.18 5.09
N VAL A 197 -2.90 -18.50 5.26
CA VAL A 197 -2.21 -19.38 4.31
C VAL A 197 -2.80 -19.22 2.91
N LEU A 198 -4.13 -19.29 2.79
CA LEU A 198 -4.77 -19.18 1.49
C LEU A 198 -4.48 -17.81 0.87
N LEU A 199 -4.63 -16.74 1.66
CA LEU A 199 -4.34 -15.41 1.15
C LEU A 199 -2.93 -15.35 0.57
N LEU A 200 -1.96 -15.89 1.29
CA LEU A 200 -0.58 -15.83 0.84
C LEU A 200 -0.38 -16.57 -0.49
N ARG A 201 -1.02 -17.74 -0.65
CA ARG A 201 -0.80 -18.47 -1.90
C ARG A 201 -1.43 -17.74 -3.07
N ARG A 202 -2.65 -17.22 -2.89
CA ARG A 202 -3.29 -16.48 -3.97
C ARG A 202 -2.50 -15.22 -4.33
N THR A 203 -2.01 -14.52 -3.30
CA THR A 203 -1.17 -13.35 -3.55
C THR A 203 0.08 -13.74 -4.34
N ILE A 204 0.74 -14.81 -3.93
CA ILE A 204 1.88 -15.31 -4.69
C ILE A 204 1.47 -15.63 -6.11
N ASP A 205 0.34 -16.35 -6.27
CA ASP A 205 -0.15 -16.71 -7.60
C ASP A 205 -0.41 -15.48 -8.46
N HIS A 206 -1.10 -14.47 -7.89
CA HIS A 206 -1.44 -13.31 -8.69
C HIS A 206 -0.20 -12.56 -9.12
N PHE A 207 0.82 -12.53 -8.25
CA PHE A 207 2.05 -11.83 -8.62
C PHE A 207 2.81 -12.60 -9.69
N ARG A 208 2.78 -13.94 -9.63
CA ARG A 208 3.40 -14.74 -10.67
C ARG A 208 2.72 -14.50 -12.02
N GLU A 209 1.38 -14.59 -12.05
CA GLU A 209 0.63 -14.24 -13.25
C GLU A 209 1.07 -12.90 -13.80
N ALA A 210 1.26 -11.91 -12.92
CA ALA A 210 1.61 -10.57 -13.36
C ALA A 210 3.02 -10.53 -13.95
N ARG A 211 3.94 -11.32 -13.41
CA ARG A 211 5.29 -11.35 -13.95
C ARG A 211 5.31 -11.96 -15.35
N LEU A 212 4.47 -12.97 -15.61
CA LEU A 212 4.45 -13.58 -16.94
C LEU A 212 3.98 -12.60 -18.01
N ILE A 213 2.98 -11.79 -17.68
CA ILE A 213 2.46 -10.81 -18.64
C ILE A 213 3.59 -9.90 -19.12
N GLN A 214 4.39 -9.38 -18.20
CA GLN A 214 5.43 -8.44 -18.59
C GLN A 214 6.60 -9.11 -19.29
N ALA A 215 6.74 -10.42 -19.17
CA ALA A 215 7.77 -11.11 -19.93
C ALA A 215 7.54 -11.01 -21.44
N SER A 216 6.31 -10.67 -21.85
CA SER A 216 5.95 -10.48 -23.26
C SER A 216 5.28 -9.13 -23.40
N SER A 217 5.96 -8.18 -24.03
CA SER A 217 5.41 -6.83 -24.18
C SER A 217 4.47 -6.73 -25.38
N GLU A 222 11.42 -5.04 -18.53
CA GLU A 222 10.41 -4.50 -17.62
C GLU A 222 10.64 -4.96 -16.17
N ASP A 223 11.52 -4.25 -15.48
CA ASP A 223 11.88 -4.55 -14.08
C ASP A 223 10.70 -4.27 -13.14
N LEU A 224 10.25 -5.30 -12.42
CA LEU A 224 8.98 -5.25 -11.69
C LEU A 224 9.19 -5.51 -10.21
N TRP A 225 8.77 -4.57 -9.36
CA TRP A 225 8.88 -4.70 -7.90
C TRP A 225 7.50 -4.92 -7.29
N GLN A 226 7.35 -6.00 -6.52
CA GLN A 226 6.05 -6.48 -6.06
C GLN A 226 5.98 -6.53 -4.54
N LEU A 227 4.92 -5.95 -3.97
CA LEU A 227 4.76 -5.87 -2.52
C LEU A 227 3.35 -6.26 -2.12
N ALA A 228 3.23 -7.15 -1.15
CA ALA A 228 1.94 -7.46 -0.57
C ALA A 228 1.86 -6.79 0.79
N LEU A 229 0.81 -6.00 0.98
CA LEU A 229 0.58 -5.22 2.19
C LEU A 229 -0.69 -5.78 2.83
N ILE A 230 -0.55 -6.50 3.95
CA ILE A 230 -1.60 -7.34 4.48
C ILE A 230 -2.05 -6.78 5.81
N LEU A 231 -3.30 -6.31 5.88
CA LEU A 231 -3.87 -5.71 7.07
C LEU A 231 -4.86 -6.67 7.73
N SER A 232 -4.69 -6.90 9.02
CA SER A 232 -5.61 -7.73 9.78
C SER A 232 -5.54 -7.33 11.24
N ASP A 233 -6.56 -7.74 12.00
CA ASP A 233 -6.57 -7.48 13.42
C ASP A 233 -6.50 -8.78 14.21
N GLY A 234 -6.30 -8.64 15.50
CA GLY A 234 -6.20 -9.77 16.39
C GLY A 234 -4.77 -10.07 16.79
N LEU A 235 -4.55 -11.33 17.17
CA LEU A 235 -3.30 -11.79 17.76
C LEU A 235 -2.56 -12.69 16.77
N VAL A 236 -1.26 -12.83 16.98
CA VAL A 236 -0.46 -13.79 16.26
C VAL A 236 0.40 -14.53 17.27
N GLN A 237 0.31 -15.87 17.27
CA GLN A 237 0.71 -16.75 18.36
C GLN A 237 2.02 -17.50 18.10
N SER A 238 2.60 -17.36 16.92
CA SER A 238 3.83 -18.03 16.49
C SER A 238 3.54 -19.44 16.01
N ARG A 239 2.46 -20.05 16.52
CA ARG A 239 1.82 -21.11 15.73
C ARG A 239 1.44 -20.55 14.37
N ASP A 240 1.11 -19.25 14.31
CA ASP A 240 0.76 -18.61 13.05
C ASP A 240 2.00 -18.29 12.22
N HIS A 241 3.03 -17.70 12.83
CA HIS A 241 4.25 -17.38 12.07
C HIS A 241 4.80 -18.62 11.37
N ALA A 242 4.86 -19.74 12.09
CA ALA A 242 5.58 -20.90 11.59
C ALA A 242 4.94 -21.47 10.32
N ARG A 243 3.61 -21.59 10.29
CA ARG A 243 3.00 -22.19 9.10
C ARG A 243 2.98 -21.25 7.91
N LEU A 244 3.29 -19.98 8.11
CA LEU A 244 3.44 -19.09 6.96
C LEU A 244 4.81 -19.21 6.32
N ARG A 245 5.77 -19.82 7.02
CA ARG A 245 7.17 -19.73 6.60
C ARG A 245 7.43 -20.34 5.23
N PRO A 246 6.88 -21.51 4.86
CA PRO A 246 7.16 -22.04 3.52
C PRO A 246 6.67 -21.13 2.41
N LEU A 247 5.47 -20.57 2.53
CA LEU A 247 5.01 -19.64 1.51
C LEU A 247 5.87 -18.37 1.50
N LEU A 248 6.18 -17.81 2.67
CA LEU A 248 7.01 -16.60 2.69
C LEU A 248 8.36 -16.88 2.05
N ARG A 249 8.88 -18.08 2.29
CA ARG A 249 10.12 -18.51 1.65
C ARG A 249 9.95 -18.56 0.13
N GLU A 250 8.85 -19.14 -0.34
CA GLU A 250 8.55 -19.13 -1.76
C GLU A 250 8.45 -17.71 -2.30
N ALA A 251 7.75 -16.82 -1.58
CA ALA A 251 7.62 -15.45 -2.04
C ALA A 251 8.98 -14.77 -2.16
N MET A 252 9.88 -15.04 -1.22
CA MET A 252 11.19 -14.39 -1.27
C MET A 252 11.99 -14.87 -2.48
N GLU A 253 11.92 -16.16 -2.79
CA GLU A 253 12.58 -16.66 -3.98
C GLU A 253 12.04 -15.99 -5.24
N GLN A 254 10.76 -15.64 -5.25
CA GLN A 254 10.19 -14.91 -6.38
C GLN A 254 10.29 -13.40 -6.24
N ARG A 255 11.10 -12.92 -5.29
CA ARG A 255 11.37 -11.50 -5.04
C ARG A 255 10.11 -10.75 -4.56
N VAL A 256 9.05 -11.45 -4.20
CA VAL A 256 7.89 -10.79 -3.62
C VAL A 256 8.23 -10.39 -2.18
N MET A 257 7.91 -9.16 -1.80
CA MET A 257 8.09 -8.70 -0.44
C MET A 257 6.74 -8.64 0.26
N VAL A 258 6.73 -9.03 1.52
CA VAL A 258 5.50 -9.16 2.29
C VAL A 258 5.63 -8.35 3.56
N VAL A 259 4.62 -7.53 3.84
CA VAL A 259 4.53 -6.83 5.12
C VAL A 259 3.16 -7.06 5.72
N PHE A 260 3.12 -7.54 6.96
CA PHE A 260 1.87 -7.67 7.71
C PHE A 260 1.72 -6.47 8.63
N ILE A 261 0.61 -5.76 8.52
CA ILE A 261 0.23 -4.71 9.46
C ILE A 261 -0.81 -5.30 10.41
N VAL A 262 -0.44 -5.40 11.68
CA VAL A 262 -1.22 -6.09 12.70
C VAL A 262 -1.88 -5.04 13.59
N MET A 263 -3.20 -4.89 13.47
CA MET A 263 -3.95 -3.97 14.32
C MET A 263 -4.37 -4.70 15.59
N ASP A 264 -4.06 -4.13 16.75
CA ASP A 264 -4.58 -4.69 18.00
C ASP A 264 -4.83 -3.55 18.99
N ASP A 265 -6.02 -2.96 18.90
CA ASP A 265 -6.45 -1.92 19.81
C ASP A 265 -7.29 -2.54 20.93
N ALA A 266 -7.07 -2.07 22.15
CA ALA A 266 -7.83 -2.56 23.31
C ALA A 266 -8.97 -1.61 23.66
N SER A 273 -14.56 8.44 20.88
CA SER A 273 -14.03 7.12 20.56
C SER A 273 -14.32 6.75 19.11
N VAL A 274 -15.42 6.03 18.89
CA VAL A 274 -15.75 5.61 17.52
C VAL A 274 -16.24 6.80 16.69
N LEU A 275 -16.96 7.75 17.30
CA LEU A 275 -17.56 8.82 16.52
C LEU A 275 -16.58 9.95 16.21
N GLU A 276 -15.48 10.07 16.96
CA GLU A 276 -14.50 11.12 16.65
C GLU A 276 -13.45 10.63 15.66
N LEU A 277 -13.25 9.32 15.56
CA LEU A 277 -12.57 8.75 14.40
C LEU A 277 -13.20 9.21 13.11
N LYS A 278 -14.54 9.14 13.05
CA LYS A 278 -15.35 9.72 11.99
C LYS A 278 -14.88 11.12 11.61
N GLU A 279 -14.66 11.96 12.63
CA GLU A 279 -14.24 13.33 12.43
C GLU A 279 -12.76 13.47 12.08
N ALA A 280 -11.93 12.50 12.46
CA ALA A 280 -10.48 12.66 12.43
C ALA A 280 -9.96 13.01 11.03
N ARG A 281 -9.05 13.99 10.98
CA ARG A 281 -8.33 14.34 9.76
C ARG A 281 -6.87 13.90 9.88
N PHE A 282 -6.34 13.32 8.80
CA PHE A 282 -5.00 12.75 8.80
C PHE A 282 -4.05 13.60 7.97
N GLY A 283 -2.93 13.97 8.57
CA GLY A 283 -1.82 14.56 7.85
C GLY A 283 -0.51 13.92 8.25
N PRO A 284 0.61 14.45 7.78
CA PRO A 284 1.91 13.86 8.11
C PRO A 284 2.09 13.80 9.61
N ASP A 285 2.56 12.67 10.11
CA ASP A 285 2.76 12.47 11.54
C ASP A 285 4.23 12.43 11.97
N GLY A 286 5.18 12.71 11.08
CA GLY A 286 6.56 12.85 11.49
C GLY A 286 7.38 11.59 11.56
N VAL A 287 6.91 10.50 10.96
CA VAL A 287 7.63 9.23 10.93
C VAL A 287 7.94 8.92 9.47
N PRO A 288 9.05 9.37 8.92
CA PRO A 288 9.23 9.20 7.46
C PRO A 288 9.43 7.76 7.03
N VAL A 289 10.12 6.94 7.83
CA VAL A 289 10.40 5.56 7.46
C VAL A 289 10.27 4.67 8.69
N ILE A 290 10.12 3.36 8.45
CA ILE A 290 10.23 2.36 9.51
C ILE A 290 11.69 1.88 9.51
N HIS A 291 12.46 2.40 10.45
CA HIS A 291 13.89 2.12 10.54
C HIS A 291 14.17 0.61 10.60
N ARG A 292 13.40 -0.12 11.41
CA ARG A 292 13.60 -1.55 11.54
C ARG A 292 13.33 -2.29 10.22
N TYR A 293 12.30 -1.88 9.46
CA TYR A 293 12.00 -2.51 8.19
C TYR A 293 13.07 -2.21 7.15
N LEU A 294 13.53 -0.97 7.10
CA LEU A 294 14.68 -0.62 6.27
C LEU A 294 15.84 -1.56 6.56
N ASP A 295 16.08 -1.84 7.84
CA ASP A 295 17.22 -2.67 8.23
C ASP A 295 17.02 -4.14 7.86
N SER A 296 15.78 -4.62 7.75
CA SER A 296 15.52 -6.04 7.50
C SER A 296 15.25 -6.32 6.05
N PHE A 297 15.30 -5.29 5.22
CA PHE A 297 14.92 -5.43 3.84
C PHE A 297 15.75 -6.53 3.18
N PRO A 298 15.15 -7.39 2.36
CA PRO A 298 13.75 -7.47 1.94
C PRO A 298 12.97 -8.62 2.62
N PHE A 299 13.27 -8.95 3.88
CA PHE A 299 12.62 -10.06 4.54
C PHE A 299 11.20 -9.67 4.97
N PRO A 300 10.33 -10.67 5.18
CA PRO A 300 8.97 -10.40 5.68
C PRO A 300 9.03 -9.71 7.04
N TYR A 301 8.05 -8.82 7.27
CA TYR A 301 8.04 -7.90 8.39
C TYR A 301 6.62 -7.78 8.92
N TYR A 302 6.50 -7.68 10.25
CA TYR A 302 5.23 -7.47 10.93
C TYR A 302 5.30 -6.10 11.61
N LEU A 303 4.48 -5.16 11.16
CA LEU A 303 4.35 -3.86 11.81
C LEU A 303 3.11 -3.89 12.70
N ILE A 304 3.33 -3.79 14.01
CA ILE A 304 2.24 -3.87 14.98
C ILE A 304 1.74 -2.46 15.29
N VAL A 305 0.47 -2.23 15.06
CA VAL A 305 -0.15 -0.92 15.22
C VAL A 305 -1.15 -1.02 16.37
N HIS A 306 -0.84 -0.39 17.49
CA HIS A 306 -1.67 -0.50 18.69
C HIS A 306 -2.82 0.50 18.70
N HIS A 307 -2.66 1.63 18.03
CA HIS A 307 -3.69 2.66 17.95
C HIS A 307 -4.16 2.83 16.51
N LEU A 308 -5.46 2.67 16.29
CA LEU A 308 -5.99 2.66 14.94
C LEU A 308 -5.83 4.00 14.24
N GLU A 309 -5.82 5.11 14.98
CA GLU A 309 -5.58 6.39 14.32
C GLU A 309 -4.15 6.52 13.78
N ASP A 310 -3.25 5.62 14.16
CA ASP A 310 -1.94 5.55 13.56
C ASP A 310 -1.91 4.74 12.27
N LEU A 311 -3.01 4.04 11.93
CA LEU A 311 -2.99 3.15 10.79
C LEU A 311 -2.60 3.85 9.49
N PRO A 312 -3.26 4.94 9.08
CA PRO A 312 -2.84 5.59 7.82
C PRO A 312 -1.40 6.10 7.85
N GLY A 313 -0.97 6.69 8.98
CA GLY A 313 0.44 7.03 9.15
C GLY A 313 1.38 5.84 8.96
N ALA A 314 1.04 4.71 9.58
CA ALA A 314 1.92 3.55 9.49
C ALA A 314 1.99 3.03 8.05
N LEU A 315 0.88 3.07 7.31
CA LEU A 315 0.94 2.65 5.91
C LEU A 315 1.82 3.58 5.10
N ALA A 316 1.62 4.90 5.27
CA ALA A 316 2.46 5.89 4.61
C ALA A 316 3.94 5.62 4.87
N ALA A 317 4.30 5.35 6.14
CA ALA A 317 5.71 5.17 6.48
C ALA A 317 6.25 3.89 5.88
N LEU A 318 5.47 2.80 5.96
CA LEU A 318 5.91 1.56 5.31
C LEU A 318 6.15 1.78 3.82
N LEU A 319 5.22 2.47 3.15
CA LEU A 319 5.34 2.64 1.71
C LEU A 319 6.56 3.48 1.35
N ARG A 320 6.81 4.57 2.08
CA ARG A 320 8.01 5.35 1.84
C ARG A 320 9.25 4.49 2.00
N THR A 321 9.29 3.70 3.08
CA THR A 321 10.44 2.84 3.32
C THR A 321 10.65 1.88 2.16
N TRP A 322 9.57 1.27 1.68
CA TRP A 322 9.69 0.26 0.64
C TRP A 322 10.14 0.90 -0.65
N PHE A 323 9.48 2.01 -1.03
CA PHE A 323 9.90 2.74 -2.23
C PHE A 323 11.35 3.20 -2.11
N ALA A 324 11.78 3.67 -0.95
CA ALA A 324 13.16 4.08 -0.84
C ALA A 324 14.09 2.88 -1.03
N GLU A 325 13.71 1.71 -0.50
CA GLU A 325 14.61 0.56 -0.55
C GLU A 325 14.67 -0.03 -1.95
N VAL A 326 13.52 -0.26 -2.60
CA VAL A 326 13.60 -0.86 -3.92
C VAL A 326 14.29 0.08 -4.88
N ASN A 327 14.31 1.36 -4.58
CA ASN A 327 14.87 2.32 -5.49
C ASN A 327 16.36 2.51 -5.35
N SER A 328 16.93 2.30 -4.16
CA SER A 328 18.37 2.52 -4.01
C SER A 328 19.15 1.47 -4.81
N GLY A 329 20.28 1.89 -5.39
CA GLY A 329 21.11 1.00 -6.19
C GLY A 329 21.68 -0.17 -5.41
N SER A 330 21.39 -0.27 -4.12
CA SER A 330 21.84 -1.31 -3.20
C SER A 330 21.58 -2.71 -3.75
N HIS A 331 22.55 -3.62 -3.56
CA HIS A 331 22.46 -5.05 -3.97
C HIS A 331 22.66 -5.25 -5.47
#